data_8K11
#
_entry.id   8K11
#
_cell.length_a   1.00
_cell.length_b   1.00
_cell.length_c   1.00
_cell.angle_alpha   90.00
_cell.angle_beta   90.00
_cell.angle_gamma   90.00
#
_symmetry.space_group_name_H-M   'P 1'
#
loop_
_entity.id
_entity.type
_entity.pdbx_description
1 polymer 'SID1 transmembrane family member 2'
2 branched 2-acetamido-2-deoxy-beta-D-glucopyranose-(1-4)-2-acetamido-2-deoxy-beta-D-glucopyranose
3 non-polymer 2-acetamido-2-deoxy-beta-D-glucopyranose
#
_entity_poly.entity_id   1
_entity_poly.type   'polypeptide(L)'
_entity_poly.pdbx_seq_one_letter_code
;MKANLLVLLCALAAADAHLGVLGPKNVSQKDAEFERTYVDEVNSELVNIYTFNHTVTRNRTEGVRVSVNVLNKQKGAPLL
FVVRQKEAVVSFQVPLILRGMFQRKYLYQKVERTLCQPPTKNESEIQFFYVDVSTLSPVNTTYQLRVSRMDDFVLRTGEQ
FSFNTTAAQPQYFKYEFPEGVDSVIVKVTSNKAFPCSVISIQDVLCPVYDLDNNVAFIGMYQTMTKKAAITVQRKDFPSN
SFYVVVVVKTEDQACGGSLPFYPFAEDEPVDQGHRQKTLSVLVSQA
;
_entity_poly.pdbx_strand_id   A,B
#
loop_
_chem_comp.id
_chem_comp.type
_chem_comp.name
_chem_comp.formula
NAG D-saccharide, beta linking 2-acetamido-2-deoxy-beta-D-glucopyranose 'C8 H15 N O6'
#
# COMPACT_ATOMS: atom_id res chain seq x y z
N PRO A 24 21.46 9.07 -19.80
CA PRO A 24 20.55 8.86 -18.67
C PRO A 24 20.10 7.41 -18.54
N LYS A 25 18.91 7.20 -18.00
CA LYS A 25 18.37 5.86 -17.84
C LYS A 25 17.80 5.34 -19.15
N ASN A 26 18.09 4.08 -19.46
CA ASN A 26 17.62 3.47 -20.70
C ASN A 26 16.28 2.80 -20.45
N VAL A 27 15.24 3.27 -21.14
CA VAL A 27 13.90 2.73 -21.01
C VAL A 27 13.53 2.03 -22.32
N SER A 28 13.11 0.77 -22.21
CA SER A 28 12.66 -0.01 -23.34
C SER A 28 11.17 -0.31 -23.16
N GLN A 29 10.47 -0.45 -24.29
CA GLN A 29 9.03 -0.63 -24.27
C GLN A 29 8.63 -1.78 -25.19
N LYS A 30 7.57 -2.48 -24.80
CA LYS A 30 7.05 -3.59 -25.58
C LYS A 30 5.55 -3.69 -25.38
N ASP A 31 4.83 -4.04 -26.45
CA ASP A 31 3.39 -4.26 -26.39
C ASP A 31 3.16 -5.77 -26.31
N ALA A 32 3.40 -6.31 -25.12
CA ALA A 32 3.32 -7.75 -24.90
C ALA A 32 1.86 -8.18 -24.78
N GLU A 33 1.65 -9.49 -24.79
CA GLU A 33 0.32 -10.09 -24.80
C GLU A 33 0.11 -10.94 -23.56
N PHE A 34 -1.13 -11.40 -23.39
CA PHE A 34 -1.48 -12.27 -22.29
C PHE A 34 -0.92 -13.67 -22.51
N GLU A 35 -0.85 -14.44 -21.42
CA GLU A 35 -0.50 -15.86 -21.43
C GLU A 35 0.84 -16.09 -22.13
N ARG A 36 1.89 -15.50 -21.56
CA ARG A 36 3.25 -15.67 -22.08
C ARG A 36 4.22 -15.24 -21.02
N THR A 37 5.17 -16.11 -20.69
CA THR A 37 6.18 -15.83 -19.68
C THR A 37 7.40 -15.22 -20.34
N TYR A 38 7.68 -13.96 -20.01
CA TYR A 38 8.83 -13.24 -20.55
C TYR A 38 9.95 -13.27 -19.52
N VAL A 39 11.11 -13.79 -19.92
CA VAL A 39 12.29 -13.84 -19.07
C VAL A 39 13.24 -12.75 -19.56
N ASP A 40 13.46 -11.74 -18.72
CA ASP A 40 14.26 -10.59 -19.12
C ASP A 40 15.20 -10.19 -18.00
N GLU A 41 16.27 -9.50 -18.37
CA GLU A 41 17.27 -9.00 -17.44
C GLU A 41 17.01 -7.53 -17.13
N VAL A 42 17.61 -7.06 -16.03
CA VAL A 42 17.47 -5.67 -15.61
C VAL A 42 18.61 -5.35 -14.68
N ASN A 43 18.92 -4.06 -14.55
CA ASN A 43 19.97 -3.57 -13.66
C ASN A 43 19.64 -2.14 -13.28
N SER A 44 20.61 -1.43 -12.70
CA SER A 44 20.42 -0.04 -12.30
C SER A 44 20.26 0.88 -13.50
N GLU A 45 20.55 0.41 -14.70
CA GLU A 45 20.48 1.22 -15.91
C GLU A 45 19.21 1.00 -16.72
N LEU A 46 18.67 -0.22 -16.70
CA LEU A 46 17.56 -0.59 -17.56
C LEU A 46 16.22 -0.45 -16.84
N VAL A 47 15.24 0.10 -17.53
CA VAL A 47 13.85 0.12 -17.10
C VAL A 47 12.98 -0.39 -18.23
N ASN A 48 12.13 -1.37 -17.94
CA ASN A 48 11.30 -2.02 -18.97
C ASN A 48 9.84 -1.64 -18.78
N ILE A 49 9.13 -1.52 -19.89
CA ILE A 49 7.72 -1.16 -19.92
C ILE A 49 6.99 -2.17 -20.80
N TYR A 50 5.89 -2.73 -20.28
CA TYR A 50 5.03 -3.62 -21.05
C TYR A 50 3.62 -3.05 -21.04
N THR A 51 3.02 -2.97 -22.23
CA THR A 51 1.66 -2.46 -22.38
C THR A 51 0.74 -3.63 -22.68
N PHE A 52 -0.39 -3.70 -21.97
CA PHE A 52 -1.35 -4.78 -22.14
C PHE A 52 -2.72 -4.20 -22.45
N ASN A 53 -3.31 -4.68 -23.54
CA ASN A 53 -4.68 -4.37 -23.91
C ASN A 53 -5.60 -5.47 -23.38
N HIS A 54 -6.81 -5.09 -22.99
CA HIS A 54 -7.73 -6.01 -22.35
C HIS A 54 -9.14 -5.60 -22.73
N THR A 55 -10.00 -6.59 -22.99
CA THR A 55 -11.36 -6.33 -23.45
C THR A 55 -12.37 -6.79 -22.41
N VAL A 56 -13.34 -5.93 -22.10
CA VAL A 56 -14.32 -6.21 -21.06
C VAL A 56 -15.71 -5.88 -21.59
N THR A 57 -16.71 -6.50 -20.96
CA THR A 57 -18.11 -6.21 -21.22
C THR A 57 -18.85 -6.09 -19.89
N ARG A 58 -19.95 -5.34 -19.90
CA ARG A 58 -20.69 -5.12 -18.66
C ARG A 58 -21.25 -6.43 -18.10
N ASN A 59 -21.79 -7.28 -18.98
CA ASN A 59 -22.40 -8.53 -18.51
C ASN A 59 -21.34 -9.55 -18.10
N ARG A 60 -20.22 -9.60 -18.82
CA ARG A 60 -19.16 -10.57 -18.56
C ARG A 60 -17.92 -9.84 -18.09
N THR A 61 -17.68 -9.90 -16.77
CA THR A 61 -16.49 -9.31 -16.17
C THR A 61 -15.55 -10.43 -15.75
N GLU A 62 -14.25 -10.22 -15.98
CA GLU A 62 -13.25 -11.24 -15.75
C GLU A 62 -11.93 -10.60 -15.35
N GLY A 63 -11.25 -11.22 -14.38
CA GLY A 63 -10.09 -10.61 -13.77
C GLY A 63 -8.79 -10.90 -14.51
N VAL A 64 -7.76 -10.14 -14.12
CA VAL A 64 -6.44 -10.23 -14.71
C VAL A 64 -5.43 -10.42 -13.60
N ARG A 65 -4.55 -11.41 -13.75
CA ARG A 65 -3.55 -11.75 -12.75
C ARG A 65 -2.16 -11.44 -13.30
N VAL A 66 -1.37 -10.71 -12.52
CA VAL A 66 0.02 -10.43 -12.85
C VAL A 66 0.88 -11.28 -11.92
N SER A 67 1.67 -12.18 -12.49
CA SER A 67 2.50 -13.10 -11.71
C SER A 67 3.94 -13.04 -12.20
N VAL A 68 4.87 -12.87 -11.26
CA VAL A 68 6.27 -12.71 -11.60
C VAL A 68 7.12 -13.49 -10.62
N ASN A 69 8.25 -13.98 -11.11
CA ASN A 69 9.24 -14.71 -10.33
C ASN A 69 10.63 -14.16 -10.63
N VAL A 70 11.52 -14.30 -9.64
CA VAL A 70 12.92 -13.89 -9.75
C VAL A 70 13.79 -15.11 -9.50
N LEU A 71 14.75 -15.35 -10.38
CA LEU A 71 15.62 -16.52 -10.30
C LEU A 71 17.03 -16.19 -9.79
N ASN A 72 17.25 -14.97 -9.31
CA ASN A 72 18.53 -14.56 -8.76
C ASN A 72 18.34 -14.17 -7.30
N LYS A 73 19.30 -14.57 -6.46
CA LYS A 73 19.23 -14.33 -5.02
C LYS A 73 19.96 -13.03 -4.71
N GLN A 74 19.22 -11.99 -4.35
CA GLN A 74 19.78 -10.71 -3.96
C GLN A 74 19.16 -10.28 -2.64
N LYS A 75 19.99 -9.77 -1.73
CA LYS A 75 19.54 -9.31 -0.42
C LYS A 75 19.55 -7.81 -0.26
N GLY A 76 20.44 -7.10 -0.96
CA GLY A 76 20.53 -5.66 -0.81
C GLY A 76 19.51 -4.87 -1.58
N ALA A 77 19.55 -4.95 -2.91
CA ALA A 77 18.70 -4.13 -3.77
C ALA A 77 17.74 -5.00 -4.56
N PRO A 78 16.45 -5.03 -4.22
CA PRO A 78 15.50 -5.89 -4.93
C PRO A 78 14.96 -5.22 -6.19
N LEU A 79 14.21 -6.03 -6.95
CA LEU A 79 13.49 -5.56 -8.13
C LEU A 79 12.25 -4.78 -7.71
N LEU A 80 11.94 -3.72 -8.46
CA LEU A 80 10.78 -2.87 -8.21
C LEU A 80 9.82 -2.97 -9.38
N PHE A 81 8.57 -3.31 -9.07
CA PHE A 81 7.53 -3.56 -10.05
C PHE A 81 6.36 -2.61 -9.80
N VAL A 82 5.83 -2.04 -10.88
CA VAL A 82 4.63 -1.21 -10.79
C VAL A 82 3.64 -1.68 -11.85
N VAL A 83 2.38 -1.81 -11.46
CA VAL A 83 1.28 -2.09 -12.36
C VAL A 83 0.35 -0.88 -12.32
N ARG A 84 0.14 -0.27 -13.49
CA ARG A 84 -0.53 1.01 -13.61
C ARG A 84 -1.81 0.82 -14.43
N GLN A 85 -2.91 1.38 -13.95
CA GLN A 85 -4.19 1.31 -14.63
C GLN A 85 -4.68 2.73 -14.94
N LYS A 86 -5.90 2.81 -15.45
CA LYS A 86 -6.52 4.10 -15.67
C LYS A 86 -6.85 4.80 -14.36
N GLU A 87 -7.07 4.04 -13.29
CA GLU A 87 -7.51 4.58 -12.01
C GLU A 87 -6.51 4.41 -10.88
N ALA A 88 -6.05 3.19 -10.61
CA ALA A 88 -5.21 2.92 -9.46
C ALA A 88 -3.84 2.41 -9.90
N VAL A 89 -2.88 2.52 -8.99
CA VAL A 89 -1.52 2.06 -9.20
C VAL A 89 -1.14 1.13 -8.05
N VAL A 90 -0.59 -0.03 -8.39
CA VAL A 90 -0.09 -0.96 -7.38
C VAL A 90 1.40 -1.17 -7.61
N SER A 91 2.13 -1.47 -6.55
CA SER A 91 3.58 -1.57 -6.64
C SER A 91 4.09 -2.54 -5.59
N PHE A 92 5.18 -3.23 -5.93
CA PHE A 92 5.82 -4.09 -4.93
C PHE A 92 7.29 -4.32 -5.30
N GLN A 93 8.05 -4.73 -4.29
CA GLN A 93 9.45 -5.11 -4.47
C GLN A 93 9.59 -6.62 -4.27
N VAL A 94 10.47 -7.23 -5.07
CA VAL A 94 10.69 -8.67 -5.00
C VAL A 94 12.19 -8.97 -5.06
N PRO A 95 12.71 -9.94 -4.30
CA PRO A 95 12.02 -10.87 -3.38
C PRO A 95 11.38 -10.15 -2.20
N LEU A 96 10.07 -10.29 -2.08
CA LEU A 96 9.31 -9.52 -1.11
C LEU A 96 9.58 -10.03 0.30
N ILE A 97 9.75 -9.10 1.23
CA ILE A 97 10.04 -9.40 2.62
C ILE A 97 8.78 -9.13 3.43
N LEU A 98 8.28 -10.17 4.10
CA LEU A 98 7.13 -10.03 4.98
C LEU A 98 7.61 -9.99 6.43
N ARG A 99 6.67 -9.89 7.36
CA ARG A 99 6.98 -9.71 8.77
C ARG A 99 6.25 -10.77 9.58
N GLY A 100 6.88 -11.19 10.67
CA GLY A 100 6.29 -12.17 11.56
C GLY A 100 5.85 -11.56 12.86
N MET A 101 6.45 -12.02 13.97
CA MET A 101 6.14 -11.51 15.29
C MET A 101 7.32 -10.81 15.95
N PHE A 102 8.40 -11.54 16.22
CA PHE A 102 9.56 -10.98 16.91
C PHE A 102 10.60 -10.53 15.90
N GLN A 103 10.22 -9.50 15.15
CA GLN A 103 11.10 -8.86 14.16
C GLN A 103 11.66 -9.88 13.16
N ARG A 104 10.82 -10.80 12.73
CA ARG A 104 11.25 -11.83 11.79
C ARG A 104 11.14 -11.32 10.36
N LYS A 105 11.90 -11.94 9.46
CA LYS A 105 11.89 -11.59 8.05
C LYS A 105 11.75 -12.85 7.23
N TYR A 106 10.67 -12.95 6.46
CA TYR A 106 10.44 -14.04 5.51
C TYR A 106 10.59 -13.52 4.10
N LEU A 107 11.38 -14.21 3.29
CA LEU A 107 11.68 -13.81 1.93
C LEU A 107 10.90 -14.68 0.95
N TYR A 108 10.27 -14.04 -0.03
CA TYR A 108 9.50 -14.74 -1.06
C TYR A 108 9.98 -14.30 -2.43
N GLN A 109 10.10 -15.27 -3.34
CA GLN A 109 10.65 -15.02 -4.67
C GLN A 109 9.59 -14.79 -5.74
N LYS A 110 8.44 -15.46 -5.63
CA LYS A 110 7.37 -15.34 -6.61
C LYS A 110 6.22 -14.57 -5.99
N VAL A 111 5.75 -13.54 -6.70
CA VAL A 111 4.63 -12.73 -6.25
C VAL A 111 3.56 -12.69 -7.33
N GLU A 112 2.31 -12.87 -6.92
CA GLU A 112 1.18 -12.88 -7.83
C GLU A 112 0.09 -11.99 -7.24
N ARG A 113 -0.50 -11.13 -8.07
CA ARG A 113 -1.55 -10.25 -7.60
C ARG A 113 -2.59 -10.02 -8.69
N THR A 114 -3.85 -9.94 -8.28
CA THR A 114 -4.96 -9.68 -9.19
C THR A 114 -5.34 -8.21 -9.13
N LEU A 115 -5.46 -7.59 -10.31
CA LEU A 115 -5.74 -6.17 -10.38
C LEU A 115 -7.21 -5.87 -10.06
N CYS A 116 -7.46 -4.64 -9.63
CA CYS A 116 -8.81 -4.18 -9.31
C CYS A 116 -9.36 -3.44 -10.53
N GLN A 117 -10.44 -3.95 -11.11
CA GLN A 117 -11.05 -3.35 -12.29
C GLN A 117 -12.39 -2.76 -11.91
N PRO A 118 -12.56 -1.43 -12.01
CA PRO A 118 -13.86 -0.84 -11.67
C PRO A 118 -14.92 -1.25 -12.67
N PRO A 119 -16.19 -1.28 -12.26
CA PRO A 119 -17.26 -1.56 -13.23
C PRO A 119 -17.31 -0.51 -14.32
N THR A 120 -17.54 -0.97 -15.54
CA THR A 120 -17.49 -0.10 -16.71
C THR A 120 -18.84 0.56 -16.96
N LYS A 121 -18.81 1.67 -17.70
CA LYS A 121 -20.01 2.40 -18.07
C LYS A 121 -20.54 1.99 -19.44
N ASN A 122 -19.72 2.12 -20.48
CA ASN A 122 -20.13 1.72 -21.82
C ASN A 122 -20.25 0.20 -21.91
N GLU A 123 -20.98 -0.25 -22.93
CA GLU A 123 -21.21 -1.68 -23.11
C GLU A 123 -19.90 -2.43 -23.36
N SER A 124 -19.02 -1.87 -24.20
CA SER A 124 -17.75 -2.52 -24.54
C SER A 124 -16.68 -1.44 -24.61
N GLU A 125 -15.78 -1.44 -23.63
CA GLU A 125 -14.66 -0.50 -23.60
C GLU A 125 -13.36 -1.30 -23.45
N ILE A 126 -12.38 -0.99 -24.28
CA ILE A 126 -11.06 -1.61 -24.18
C ILE A 126 -10.24 -0.88 -23.13
N GLN A 127 -9.71 -1.65 -22.17
CA GLN A 127 -8.96 -1.11 -21.05
C GLN A 127 -7.48 -1.42 -21.23
N PHE A 128 -6.63 -0.44 -20.95
CA PHE A 128 -5.19 -0.58 -21.07
C PHE A 128 -4.56 -0.59 -19.68
N PHE A 129 -3.51 -1.39 -19.51
CA PHE A 129 -2.76 -1.33 -18.26
C PHE A 129 -1.31 -1.67 -18.53
N TYR A 130 -0.43 -1.07 -17.74
CA TYR A 130 1.01 -1.11 -17.95
C TYR A 130 1.70 -1.82 -16.80
N VAL A 131 2.81 -2.49 -17.11
CA VAL A 131 3.68 -3.10 -16.12
C VAL A 131 5.09 -2.60 -16.36
N ASP A 132 5.65 -1.89 -15.38
CA ASP A 132 6.99 -1.34 -15.50
C ASP A 132 7.90 -1.97 -14.46
N VAL A 133 9.12 -2.28 -14.90
CA VAL A 133 10.11 -3.00 -14.10
C VAL A 133 11.38 -2.16 -14.02
N SER A 134 11.95 -2.06 -12.83
CA SER A 134 13.20 -1.32 -12.65
C SER A 134 13.92 -1.84 -11.43
N THR A 135 15.16 -1.38 -11.26
CA THR A 135 15.94 -1.64 -10.05
C THR A 135 17.15 -0.71 -10.08
N LEU A 136 17.84 -0.64 -8.95
CA LEU A 136 19.04 0.18 -8.84
C LEU A 136 20.26 -0.61 -8.40
N SER A 137 20.16 -1.94 -8.34
CA SER A 137 21.34 -2.75 -8.07
C SER A 137 22.32 -2.66 -9.24
N PRO A 138 23.63 -2.63 -8.95
CA PRO A 138 24.60 -2.47 -10.05
C PRO A 138 24.79 -3.72 -10.89
N VAL A 139 24.21 -4.84 -10.51
CA VAL A 139 24.42 -6.12 -11.19
C VAL A 139 23.11 -6.54 -11.85
N ASN A 140 23.25 -7.31 -12.94
CA ASN A 140 22.10 -7.84 -13.66
C ASN A 140 21.23 -8.69 -12.74
N THR A 141 19.99 -8.89 -13.17
CA THR A 141 19.03 -9.73 -12.45
C THR A 141 17.94 -10.13 -13.43
N THR A 142 17.56 -11.41 -13.42
CA THR A 142 16.62 -11.97 -14.37
C THR A 142 15.28 -12.22 -13.70
N TYR A 143 14.20 -11.84 -14.37
CA TYR A 143 12.85 -12.05 -13.88
C TYR A 143 11.98 -12.62 -14.99
N GLN A 144 11.04 -13.47 -14.61
CA GLN A 144 10.04 -13.99 -15.53
C GLN A 144 8.67 -13.46 -15.12
N LEU A 145 8.01 -12.79 -16.07
CA LEU A 145 6.75 -12.09 -15.81
C LEU A 145 5.69 -12.58 -16.78
N ARG A 146 4.46 -12.76 -16.29
CA ARG A 146 3.36 -13.18 -17.14
C ARG A 146 2.07 -12.58 -16.61
N VAL A 147 1.10 -12.41 -17.51
CA VAL A 147 -0.24 -11.95 -17.17
C VAL A 147 -1.24 -12.97 -17.68
N SER A 148 -2.15 -13.39 -16.81
CA SER A 148 -3.13 -14.43 -17.12
C SER A 148 -4.52 -13.86 -17.00
N ARG A 149 -5.32 -14.05 -18.05
CA ARG A 149 -6.73 -13.71 -18.00
C ARG A 149 -7.48 -14.78 -17.21
N MET A 150 -7.84 -14.48 -15.97
CA MET A 150 -8.38 -15.47 -15.05
C MET A 150 -9.79 -15.83 -15.48
N ASP A 151 -9.99 -17.08 -15.90
CA ASP A 151 -11.28 -17.49 -16.45
C ASP A 151 -12.36 -17.55 -15.37
N ASP A 152 -12.05 -18.17 -14.24
CA ASP A 152 -13.03 -18.32 -13.16
C ASP A 152 -12.89 -17.18 -12.14
N PHE A 153 -13.02 -15.95 -12.64
CA PHE A 153 -13.06 -14.80 -11.75
C PHE A 153 -14.38 -14.75 -10.99
N VAL A 154 -15.46 -15.17 -11.63
CA VAL A 154 -16.78 -15.14 -11.01
C VAL A 154 -17.06 -16.47 -10.33
N LEU A 155 -17.85 -16.43 -9.27
CA LEU A 155 -18.25 -17.61 -8.52
C LEU A 155 -19.72 -17.90 -8.78
N ARG A 156 -19.99 -19.10 -9.30
CA ARG A 156 -21.37 -19.53 -9.55
C ARG A 156 -21.92 -20.22 -8.31
N THR A 157 -23.22 -20.05 -8.08
CA THR A 157 -23.85 -20.59 -6.89
C THR A 157 -23.83 -22.11 -6.92
N GLY A 158 -23.52 -22.72 -5.77
CA GLY A 158 -23.54 -24.16 -5.66
C GLY A 158 -22.42 -24.88 -6.37
N GLU A 159 -21.33 -24.19 -6.70
CA GLU A 159 -20.20 -24.79 -7.38
C GLU A 159 -18.94 -24.61 -6.54
N GLN A 160 -18.12 -25.65 -6.48
CA GLN A 160 -16.90 -25.65 -5.69
C GLN A 160 -15.71 -25.31 -6.57
N PHE A 161 -14.87 -24.39 -6.11
CA PHE A 161 -13.65 -24.02 -6.81
C PHE A 161 -12.45 -24.21 -5.89
N SER A 162 -11.47 -24.97 -6.36
CA SER A 162 -10.25 -25.26 -5.61
C SER A 162 -9.08 -24.47 -6.19
N PHE A 163 -8.34 -23.80 -5.32
CA PHE A 163 -7.28 -22.91 -5.76
C PHE A 163 -6.16 -22.90 -4.71
N ASN A 164 -4.97 -22.52 -5.17
CA ASN A 164 -3.76 -22.53 -4.35
C ASN A 164 -3.33 -21.11 -4.03
N THR A 165 -3.03 -20.85 -2.76
CA THR A 165 -2.61 -19.53 -2.30
C THR A 165 -1.43 -19.65 -1.37
N THR A 166 -0.48 -18.72 -1.49
CA THR A 166 0.66 -18.62 -0.59
C THR A 166 0.63 -17.25 0.09
N ALA A 167 1.66 -16.98 0.91
CA ALA A 167 1.68 -15.75 1.68
C ALA A 167 1.85 -14.52 0.79
N ALA A 168 2.52 -14.66 -0.35
CA ALA A 168 2.75 -13.56 -1.28
C ALA A 168 1.92 -13.68 -2.54
N GLN A 169 0.88 -14.51 -2.54
CA GLN A 169 -0.02 -14.66 -3.68
C GLN A 169 -1.46 -14.56 -3.20
N PRO A 170 -1.91 -13.37 -2.81
CA PRO A 170 -3.31 -13.21 -2.41
C PRO A 170 -4.22 -13.35 -3.61
N GLN A 171 -5.45 -13.80 -3.36
CA GLN A 171 -6.40 -13.99 -4.44
C GLN A 171 -7.74 -13.37 -4.05
N TYR A 172 -8.57 -13.11 -5.06
CA TYR A 172 -9.95 -12.74 -4.76
C TYR A 172 -10.83 -13.01 -5.97
N PHE A 173 -12.07 -13.38 -5.69
CA PHE A 173 -13.06 -13.71 -6.71
C PHE A 173 -14.28 -12.81 -6.53
N LYS A 174 -14.94 -12.50 -7.63
CA LYS A 174 -16.12 -11.65 -7.62
C LYS A 174 -17.38 -12.50 -7.63
N TYR A 175 -18.24 -12.32 -6.64
CA TYR A 175 -19.55 -12.95 -6.61
C TYR A 175 -20.59 -11.95 -7.06
N GLU A 176 -21.33 -12.30 -8.10
CA GLU A 176 -22.47 -11.52 -8.57
C GLU A 176 -23.73 -12.11 -7.98
N PHE A 177 -24.36 -11.31 -7.10
CA PHE A 177 -25.64 -11.72 -6.46
C PHE A 177 -26.69 -11.86 -7.55
N PRO A 178 -27.40 -13.00 -7.69
CA PRO A 178 -28.44 -13.10 -8.70
C PRO A 178 -29.80 -12.62 -8.18
N GLU A 179 -30.76 -12.57 -9.10
CA GLU A 179 -32.09 -12.07 -8.79
C GLU A 179 -32.82 -13.02 -7.85
N GLY A 180 -33.58 -12.45 -6.93
CA GLY A 180 -34.40 -13.23 -6.01
C GLY A 180 -33.66 -13.85 -4.86
N VAL A 181 -32.37 -13.57 -4.69
CA VAL A 181 -31.58 -14.11 -3.59
C VAL A 181 -31.40 -13.01 -2.56
N ASP A 182 -31.97 -13.22 -1.36
CA ASP A 182 -31.87 -12.23 -0.31
C ASP A 182 -30.49 -12.24 0.35
N SER A 183 -29.92 -13.43 0.53
CA SER A 183 -28.62 -13.55 1.17
C SER A 183 -27.95 -14.84 0.71
N VAL A 184 -26.62 -14.87 0.76
CA VAL A 184 -25.84 -16.03 0.42
C VAL A 184 -24.92 -16.37 1.59
N ILE A 185 -24.35 -17.57 1.55
CA ILE A 185 -23.36 -18.00 2.53
C ILE A 185 -22.14 -18.53 1.77
N VAL A 186 -20.98 -17.99 2.10
CA VAL A 186 -19.72 -18.37 1.48
C VAL A 186 -19.01 -19.33 2.41
N LYS A 187 -18.78 -20.55 1.94
CA LYS A 187 -18.16 -21.62 2.71
C LYS A 187 -16.83 -21.97 2.06
N VAL A 188 -15.76 -21.88 2.83
CA VAL A 188 -14.42 -22.19 2.34
C VAL A 188 -13.79 -23.22 3.25
N THR A 189 -13.20 -24.25 2.64
CA THR A 189 -12.67 -25.39 3.37
C THR A 189 -11.26 -25.72 2.88
N SER A 190 -10.50 -26.37 3.75
CA SER A 190 -9.17 -26.85 3.41
C SER A 190 -8.92 -28.17 4.11
N ASN A 191 -8.02 -28.97 3.54
CA ASN A 191 -7.66 -30.26 4.14
C ASN A 191 -6.49 -30.13 5.11
N LYS A 192 -5.35 -29.63 4.62
CA LYS A 192 -4.23 -29.35 5.50
C LYS A 192 -4.52 -28.11 6.33
N ALA A 193 -4.41 -28.26 7.66
CA ALA A 193 -4.78 -27.18 8.55
C ALA A 193 -3.89 -25.95 8.40
N PHE A 194 -2.61 -26.15 8.17
CA PHE A 194 -1.69 -25.03 8.09
C PHE A 194 -1.19 -24.85 6.66
N PRO A 195 -0.83 -23.63 6.25
CA PRO A 195 -0.74 -22.37 7.01
C PRO A 195 -2.06 -21.68 7.32
N CYS A 196 -2.00 -20.69 8.21
CA CYS A 196 -3.18 -19.90 8.56
C CYS A 196 -3.55 -18.98 7.40
N SER A 197 -4.82 -18.56 7.38
CA SER A 197 -5.29 -17.69 6.32
C SER A 197 -6.39 -16.78 6.84
N VAL A 198 -6.64 -15.71 6.10
CA VAL A 198 -7.70 -14.75 6.39
C VAL A 198 -8.59 -14.65 5.16
N ILE A 199 -9.90 -14.80 5.37
CA ILE A 199 -10.91 -14.76 4.32
C ILE A 199 -11.80 -13.56 4.58
N SER A 200 -11.90 -12.66 3.62
CA SER A 200 -12.62 -11.41 3.80
C SER A 200 -13.66 -11.23 2.70
N ILE A 201 -14.74 -10.53 3.04
CA ILE A 201 -15.80 -10.16 2.12
C ILE A 201 -15.84 -8.65 2.06
N GLN A 202 -15.71 -8.09 0.86
CA GLN A 202 -15.58 -6.65 0.68
C GLN A 202 -16.49 -6.19 -0.46
N ASP A 203 -16.79 -4.89 -0.41
CA ASP A 203 -17.64 -4.29 -1.46
C ASP A 203 -16.82 -4.17 -2.75
N VAL A 204 -17.51 -3.97 -3.87
CA VAL A 204 -16.86 -3.82 -5.17
C VAL A 204 -16.57 -2.35 -5.39
N LEU A 205 -15.35 -1.93 -5.02
CA LEU A 205 -14.91 -0.55 -5.21
C LEU A 205 -13.39 -0.53 -5.09
N CYS A 206 -12.72 -0.04 -6.12
CA CYS A 206 -11.27 0.00 -6.08
C CYS A 206 -10.82 0.94 -4.96
N PRO A 207 -9.74 0.61 -4.25
CA PRO A 207 -8.90 -0.59 -4.39
C PRO A 207 -9.38 -1.73 -3.50
N VAL A 208 -8.83 -2.93 -3.69
CA VAL A 208 -9.17 -4.10 -2.89
C VAL A 208 -7.98 -4.40 -1.98
N TYR A 209 -8.23 -4.42 -0.67
CA TYR A 209 -7.16 -4.61 0.30
C TYR A 209 -6.90 -6.11 0.47
N ASP A 210 -6.01 -6.62 -0.37
CA ASP A 210 -5.62 -8.02 -0.34
C ASP A 210 -4.25 -8.24 0.28
N LEU A 211 -3.59 -7.19 0.74
CA LEU A 211 -2.32 -7.34 1.41
C LEU A 211 -2.53 -7.80 2.86
N ASP A 212 -1.43 -8.18 3.51
CA ASP A 212 -1.52 -8.68 4.88
C ASP A 212 -1.87 -7.56 5.85
N ASN A 213 -1.32 -6.36 5.66
CA ASN A 213 -1.46 -5.26 6.66
C ASN A 213 -2.82 -4.56 6.60
N ASN A 214 -3.54 -4.61 5.48
CA ASN A 214 -4.77 -3.85 5.34
C ASN A 214 -6.00 -4.73 5.16
N VAL A 215 -5.90 -6.03 5.45
CA VAL A 215 -7.03 -6.92 5.21
C VAL A 215 -8.12 -6.75 6.27
N ALA A 216 -7.85 -6.00 7.33
CA ALA A 216 -8.80 -5.83 8.42
C ALA A 216 -9.31 -4.39 8.50
N PHE A 217 -9.33 -3.67 7.38
CA PHE A 217 -9.80 -2.30 7.37
C PHE A 217 -11.32 -2.23 7.19
N ILE A 218 -11.83 -2.82 6.10
CA ILE A 218 -13.26 -2.85 5.83
C ILE A 218 -13.66 -4.29 5.48
N GLY A 219 -14.97 -4.49 5.35
CA GLY A 219 -15.49 -5.81 5.04
C GLY A 219 -15.57 -6.69 6.27
N MET A 220 -16.13 -7.89 6.06
CA MET A 220 -16.24 -8.88 7.15
C MET A 220 -15.17 -9.94 6.90
N TYR A 221 -14.31 -10.21 7.87
CA TYR A 221 -13.20 -11.12 7.70
C TYR A 221 -13.12 -12.12 8.84
N GLN A 222 -12.75 -13.36 8.49
CA GLN A 222 -12.58 -14.45 9.42
C GLN A 222 -11.19 -15.04 9.25
N THR A 223 -10.52 -15.32 10.36
CA THR A 223 -9.28 -16.09 10.30
C THR A 223 -9.62 -17.57 10.33
N MET A 224 -8.98 -18.34 9.47
CA MET A 224 -9.30 -19.74 9.33
C MET A 224 -8.03 -20.56 9.13
N THR A 225 -8.11 -21.82 9.52
CA THR A 225 -7.10 -22.83 9.26
C THR A 225 -7.62 -24.00 8.44
N LYS A 226 -8.85 -24.44 8.68
CA LYS A 226 -9.42 -25.54 7.90
C LYS A 226 -10.80 -25.22 7.32
N LYS A 227 -11.63 -24.47 8.04
CA LYS A 227 -12.97 -24.18 7.55
C LYS A 227 -13.40 -22.80 8.00
N ALA A 228 -14.25 -22.17 7.19
CA ALA A 228 -14.81 -20.87 7.50
C ALA A 228 -16.11 -20.69 6.71
N ALA A 229 -17.03 -19.90 7.27
CA ALA A 229 -18.31 -19.63 6.64
C ALA A 229 -18.78 -18.24 7.02
N ILE A 230 -19.11 -17.43 6.02
CA ILE A 230 -19.52 -16.04 6.21
C ILE A 230 -20.84 -15.80 5.50
N THR A 231 -21.78 -15.16 6.17
CA THR A 231 -23.08 -14.86 5.59
C THR A 231 -23.08 -13.44 5.02
N VAL A 232 -23.42 -13.32 3.75
CA VAL A 232 -23.42 -12.04 3.04
C VAL A 232 -24.86 -11.69 2.68
N GLN A 233 -25.24 -10.44 2.92
CA GLN A 233 -26.59 -9.97 2.65
C GLN A 233 -26.56 -8.88 1.58
N ARG A 234 -27.65 -8.79 0.82
CA ARG A 234 -27.69 -7.86 -0.31
C ARG A 234 -27.93 -6.43 0.15
N LYS A 235 -28.65 -6.24 1.25
CA LYS A 235 -28.94 -4.89 1.71
C LYS A 235 -27.67 -4.12 2.08
N ASP A 236 -26.62 -4.83 2.46
CA ASP A 236 -25.35 -4.18 2.80
C ASP A 236 -24.50 -3.88 1.57
N PHE A 237 -24.86 -4.40 0.39
CA PHE A 237 -24.08 -4.22 -0.82
C PHE A 237 -25.00 -3.70 -1.91
N PRO A 238 -25.11 -2.37 -2.03
CA PRO A 238 -26.05 -1.80 -3.02
C PRO A 238 -25.67 -2.09 -4.47
N SER A 239 -24.42 -2.42 -4.76
CA SER A 239 -24.00 -2.64 -6.14
C SER A 239 -24.30 -4.05 -6.63
N ASN A 240 -24.87 -4.92 -5.79
CA ASN A 240 -25.31 -6.25 -6.19
C ASN A 240 -24.14 -7.14 -6.61
N SER A 241 -23.05 -7.08 -5.84
CA SER A 241 -21.87 -7.91 -6.06
C SER A 241 -20.91 -7.66 -4.90
N PHE A 242 -19.98 -8.59 -4.73
CA PHE A 242 -18.92 -8.39 -3.73
C PHE A 242 -17.69 -9.19 -4.12
N TYR A 243 -16.64 -9.04 -3.31
CA TYR A 243 -15.35 -9.69 -3.53
C TYR A 243 -15.03 -10.56 -2.32
N VAL A 244 -14.65 -11.81 -2.60
CA VAL A 244 -14.15 -12.74 -1.59
C VAL A 244 -12.63 -12.79 -1.75
N VAL A 245 -11.92 -12.32 -0.73
CA VAL A 245 -10.47 -12.16 -0.77
C VAL A 245 -9.85 -13.17 0.18
N VAL A 246 -8.88 -13.93 -0.33
CA VAL A 246 -8.16 -14.93 0.46
C VAL A 246 -6.70 -14.49 0.56
N VAL A 247 -6.17 -14.48 1.79
CA VAL A 247 -4.79 -14.13 2.07
C VAL A 247 -4.20 -15.19 2.97
N VAL A 248 -2.93 -15.52 2.78
CA VAL A 248 -2.24 -16.52 3.58
C VAL A 248 -1.22 -15.82 4.46
N LYS A 249 -1.25 -16.12 5.76
CA LYS A 249 -0.35 -15.51 6.71
C LYS A 249 1.03 -16.17 6.65
N THR A 250 1.97 -15.60 7.40
CA THR A 250 3.33 -16.12 7.51
C THR A 250 3.54 -16.94 8.77
N GLU A 251 3.09 -16.43 9.91
CA GLU A 251 3.22 -17.12 11.19
C GLU A 251 1.86 -17.66 11.62
N ASP A 252 1.83 -18.92 12.03
CA ASP A 252 0.61 -19.59 12.42
C ASP A 252 0.23 -19.36 13.87
N GLN A 253 0.76 -18.31 14.50
CA GLN A 253 0.45 -18.04 15.90
C GLN A 253 -1.02 -17.67 16.07
N ALA A 254 -1.56 -16.89 15.14
CA ALA A 254 -2.96 -16.45 15.26
C ALA A 254 -3.92 -17.63 15.16
N CYS A 255 -3.67 -18.55 14.24
CA CYS A 255 -4.53 -19.71 14.08
C CYS A 255 -4.38 -20.73 15.21
N GLY A 256 -3.36 -20.59 16.05
CA GLY A 256 -3.16 -21.48 17.18
C GLY A 256 -1.97 -22.40 17.08
N GLY A 257 -1.10 -22.23 16.07
CA GLY A 257 0.05 -23.09 15.93
C GLY A 257 1.20 -22.67 16.81
N SER A 258 2.25 -23.49 16.79
CA SER A 258 3.48 -23.24 17.55
C SER A 258 4.50 -22.61 16.61
N LEU A 259 5.02 -21.46 17.01
CA LEU A 259 5.99 -20.75 16.17
C LEU A 259 7.28 -21.54 16.08
N PRO A 260 7.92 -21.60 14.92
CA PRO A 260 9.22 -22.26 14.82
C PRO A 260 10.30 -21.50 15.58
N PHE A 261 11.27 -22.24 16.08
CA PHE A 261 12.37 -21.66 16.85
C PHE A 261 13.56 -21.35 15.95
N TYR A 262 13.31 -20.48 14.97
CA TYR A 262 14.37 -20.03 14.08
C TYR A 262 15.34 -19.12 14.83
N PRO A 263 16.59 -19.04 14.38
CA PRO A 263 17.56 -18.15 15.04
C PRO A 263 17.11 -16.70 14.97
N PHE A 264 17.41 -15.94 16.03
CA PHE A 264 16.99 -14.55 16.14
C PHE A 264 17.85 -13.69 15.21
N ALA A 265 17.48 -13.67 13.94
CA ALA A 265 18.17 -12.90 12.91
C ALA A 265 17.37 -11.62 12.69
N GLU A 266 17.85 -10.51 13.27
CA GLU A 266 17.13 -9.25 13.16
C GLU A 266 17.20 -8.68 11.75
N ASP A 267 18.36 -8.79 11.09
CA ASP A 267 18.57 -8.21 9.78
C ASP A 267 18.92 -9.26 8.73
N GLU A 268 18.60 -10.51 8.98
CA GLU A 268 18.86 -11.59 8.02
C GLU A 268 17.54 -12.27 7.71
N PRO A 269 17.07 -12.23 6.45
CA PRO A 269 15.80 -12.89 6.12
C PRO A 269 15.96 -14.36 5.83
N VAL A 270 15.11 -15.19 6.43
CA VAL A 270 15.12 -16.63 6.19
C VAL A 270 13.91 -17.02 5.35
N ASP A 271 14.13 -17.89 4.39
CA ASP A 271 13.04 -18.38 3.56
C ASP A 271 12.20 -19.38 4.33
N GLN A 272 10.89 -19.36 4.07
CA GLN A 272 9.96 -20.28 4.68
C GLN A 272 9.80 -21.57 3.89
N GLY A 273 10.54 -21.73 2.80
CA GLY A 273 10.44 -22.91 1.96
C GLY A 273 9.24 -22.87 1.03
N HIS A 274 8.55 -23.99 0.90
CA HIS A 274 7.35 -24.10 0.07
C HIS A 274 6.14 -24.17 1.00
N ARG A 275 5.55 -23.02 1.28
CA ARG A 275 4.35 -22.94 2.11
C ARG A 275 3.17 -22.54 1.22
N GLN A 276 2.12 -23.37 1.24
CA GLN A 276 1.02 -23.22 0.31
C GLN A 276 -0.24 -23.74 0.98
N LYS A 277 -1.39 -23.30 0.46
CA LYS A 277 -2.67 -23.74 0.98
C LYS A 277 -3.63 -23.97 -0.19
N THR A 278 -4.29 -25.12 -0.19
CA THR A 278 -5.31 -25.44 -1.18
C THR A 278 -6.67 -25.24 -0.54
N LEU A 279 -7.51 -24.42 -1.17
CA LEU A 279 -8.79 -24.01 -0.59
C LEU A 279 -9.90 -24.28 -1.59
N SER A 280 -11.02 -24.81 -1.09
CA SER A 280 -12.22 -25.05 -1.88
C SER A 280 -13.31 -24.10 -1.39
N VAL A 281 -13.84 -23.30 -2.30
CA VAL A 281 -14.81 -22.25 -1.97
C VAL A 281 -16.11 -22.54 -2.70
N LEU A 282 -17.23 -22.30 -2.01
CA LEU A 282 -18.56 -22.46 -2.58
C LEU A 282 -19.49 -21.43 -1.97
N VAL A 283 -20.22 -20.73 -2.83
CA VAL A 283 -21.24 -19.76 -2.39
C VAL A 283 -22.60 -20.39 -2.64
N SER A 284 -23.39 -20.51 -1.59
CA SER A 284 -24.68 -21.19 -1.68
C SER A 284 -25.78 -20.28 -1.16
N GLN A 285 -26.96 -20.39 -1.77
CA GLN A 285 -28.10 -19.59 -1.32
C GLN A 285 -28.54 -20.01 0.07
N ALA A 286 -28.87 -19.04 0.90
CA ALA A 286 -29.33 -19.32 2.25
C ALA A 286 -30.79 -19.75 2.22
N PRO B 24 5.77 5.58 -29.50
CA PRO B 24 5.34 5.06 -28.19
C PRO B 24 5.15 6.16 -27.17
N LYS B 25 5.35 5.83 -25.89
CA LYS B 25 5.19 6.81 -24.81
C LYS B 25 6.44 7.68 -24.70
N ASN B 26 6.22 8.98 -24.54
CA ASN B 26 7.32 9.95 -24.45
C ASN B 26 7.72 10.10 -22.98
N VAL B 27 8.96 9.74 -22.67
CA VAL B 27 9.49 9.84 -21.32
C VAL B 27 10.56 10.93 -21.30
N SER B 28 10.41 11.87 -20.39
CA SER B 28 11.38 12.93 -20.18
C SER B 28 12.01 12.78 -18.80
N GLN B 29 13.26 13.21 -18.67
CA GLN B 29 14.02 13.02 -17.44
C GLN B 29 14.70 14.32 -17.04
N LYS B 30 14.83 14.52 -15.73
CA LYS B 30 15.48 15.70 -15.19
C LYS B 30 16.13 15.35 -13.86
N ASP B 31 17.31 15.93 -13.62
CA ASP B 31 18.02 15.77 -12.36
C ASP B 31 17.73 17.00 -11.49
N ALA B 32 16.51 17.02 -10.93
CA ALA B 32 16.05 18.16 -10.16
C ALA B 32 16.67 18.14 -8.76
N GLU B 33 16.49 19.25 -8.05
CA GLU B 33 17.11 19.45 -6.74
C GLU B 33 16.04 19.61 -5.66
N PHE B 34 16.50 19.65 -4.42
CA PHE B 34 15.61 19.87 -3.29
C PHE B 34 15.14 21.32 -3.23
N GLU B 35 14.06 21.54 -2.49
CA GLU B 35 13.54 22.86 -2.17
C GLU B 35 13.28 23.69 -3.44
N ARG B 36 12.38 23.17 -4.27
CA ARG B 36 12.00 23.86 -5.50
C ARG B 36 10.70 23.26 -6.00
N THR B 37 9.70 24.11 -6.24
CA THR B 37 8.40 23.66 -6.71
C THR B 37 8.38 23.70 -8.23
N TYR B 38 8.26 22.53 -8.85
CA TYR B 38 8.21 22.40 -10.29
C TYR B 38 6.76 22.26 -10.72
N VAL B 39 6.30 23.14 -11.59
CA VAL B 39 4.95 23.11 -12.14
C VAL B 39 5.06 22.59 -13.56
N ASP B 40 4.51 21.40 -13.81
CA ASP B 40 4.66 20.75 -15.11
C ASP B 40 3.33 20.14 -15.53
N GLU B 41 3.19 19.97 -16.84
CA GLU B 41 2.00 19.37 -17.44
C GLU B 41 2.26 17.89 -17.72
N VAL B 42 1.16 17.15 -17.91
CA VAL B 42 1.23 15.73 -18.21
C VAL B 42 -0.09 15.31 -18.86
N ASN B 43 -0.06 14.20 -19.60
CA ASN B 43 -1.24 13.66 -20.25
C ASN B 43 -1.02 12.15 -20.43
N SER B 44 -1.87 11.51 -21.25
CA SER B 44 -1.74 10.09 -21.51
C SER B 44 -0.48 9.75 -22.31
N GLU B 45 0.20 10.75 -22.86
CA GLU B 45 1.39 10.53 -23.67
C GLU B 45 2.69 10.78 -22.92
N LEU B 46 2.69 11.71 -21.97
CA LEU B 46 3.91 12.14 -21.30
C LEU B 46 4.12 11.39 -19.99
N VAL B 47 5.37 10.97 -19.75
CA VAL B 47 5.80 10.44 -18.46
C VAL B 47 7.06 11.17 -18.06
N ASN B 48 7.09 11.70 -16.84
CA ASN B 48 8.21 12.51 -16.35
C ASN B 48 8.97 11.76 -15.27
N ILE B 49 10.28 11.95 -15.24
CA ILE B 49 11.17 11.31 -14.29
C ILE B 49 12.05 12.40 -13.66
N TYR B 50 12.12 12.40 -12.33
CA TYR B 50 13.01 13.32 -11.61
C TYR B 50 13.92 12.49 -10.72
N THR B 51 15.22 12.77 -10.79
CA THR B 51 16.22 12.08 -10.00
C THR B 51 16.71 13.00 -8.90
N PHE B 52 16.76 12.50 -7.66
CA PHE B 52 17.18 13.29 -6.52
C PHE B 52 18.34 12.60 -5.82
N ASN B 53 19.42 13.34 -5.61
CA ASN B 53 20.56 12.90 -4.82
C ASN B 53 20.40 13.42 -3.40
N HIS B 54 20.86 12.63 -2.43
CA HIS B 54 20.65 12.95 -1.03
C HIS B 54 21.84 12.42 -0.24
N THR B 55 22.29 13.18 0.75
CA THR B 55 23.49 12.84 1.51
C THR B 55 23.11 12.57 2.96
N VAL B 56 23.61 11.45 3.50
CA VAL B 56 23.28 11.02 4.84
C VAL B 56 24.55 10.63 5.58
N THR B 57 24.48 10.66 6.91
CA THR B 57 25.54 10.20 7.78
C THR B 57 24.92 9.36 8.89
N ARG B 58 25.73 8.45 9.44
CA ARG B 58 25.22 7.54 10.47
C ARG B 58 24.78 8.32 11.71
N ASN B 59 25.57 9.31 12.14
CA ASN B 59 25.25 10.06 13.34
C ASN B 59 24.10 11.02 13.12
N ARG B 60 24.02 11.64 11.94
CA ARG B 60 23.00 12.62 11.63
C ARG B 60 22.09 12.07 10.55
N THR B 61 20.90 11.62 10.94
CA THR B 61 19.88 11.13 10.02
C THR B 61 18.78 12.16 9.93
N GLU B 62 18.26 12.37 8.71
CA GLU B 62 17.29 13.42 8.45
C GLU B 62 16.38 12.98 7.31
N GLY B 63 15.08 13.27 7.46
CA GLY B 63 14.09 12.76 6.54
C GLY B 63 13.87 13.63 5.30
N VAL B 64 13.17 13.04 4.35
CA VAL B 64 12.88 13.68 3.07
C VAL B 64 11.37 13.61 2.84
N ARG B 65 10.76 14.75 2.50
CA ARG B 65 9.33 14.86 2.29
C ARG B 65 9.06 15.14 0.81
N VAL B 66 8.16 14.36 0.21
CA VAL B 66 7.71 14.60 -1.15
C VAL B 66 6.29 15.13 -1.07
N SER B 67 6.09 16.36 -1.56
CA SER B 67 4.80 17.02 -1.48
C SER B 67 4.38 17.51 -2.86
N VAL B 68 3.15 17.18 -3.26
CA VAL B 68 2.68 17.51 -4.59
C VAL B 68 1.23 17.98 -4.51
N ASN B 69 0.87 18.90 -5.41
CA ASN B 69 -0.46 19.43 -5.54
C ASN B 69 -0.89 19.40 -7.01
N VAL B 70 -2.21 19.31 -7.23
CA VAL B 70 -2.80 19.33 -8.55
C VAL B 70 -3.78 20.50 -8.61
N LEU B 71 -3.68 21.31 -9.67
CA LEU B 71 -4.51 22.50 -9.82
C LEU B 71 -5.61 22.32 -10.85
N ASN B 72 -5.83 21.10 -11.33
CA ASN B 72 -6.90 20.82 -12.29
C ASN B 72 -7.86 19.81 -11.68
N LYS B 73 -9.15 20.02 -11.88
CA LYS B 73 -10.20 19.18 -11.32
C LYS B 73 -10.56 18.09 -12.31
N GLN B 74 -10.18 16.85 -12.01
CA GLN B 74 -10.51 15.70 -12.83
C GLN B 74 -11.10 14.62 -11.94
N LYS B 75 -12.17 13.98 -12.43
CA LYS B 75 -12.84 12.92 -11.70
C LYS B 75 -12.63 11.53 -12.28
N GLY B 76 -12.40 11.43 -13.59
CA GLY B 76 -12.24 10.13 -14.21
C GLY B 76 -10.85 9.52 -14.07
N ALA B 77 -9.85 10.16 -14.66
CA ALA B 77 -8.50 9.62 -14.70
C ALA B 77 -7.54 10.49 -13.91
N PRO B 78 -7.09 10.06 -12.74
CA PRO B 78 -6.19 10.90 -11.92
C PRO B 78 -4.73 10.73 -12.32
N LEU B 79 -3.90 11.57 -11.72
CA LEU B 79 -2.45 11.50 -11.85
C LEU B 79 -1.90 10.35 -11.02
N LEU B 80 -0.88 9.68 -11.56
CA LEU B 80 -0.23 8.54 -10.90
C LEU B 80 1.21 8.90 -10.59
N PHE B 81 1.59 8.77 -9.33
CA PHE B 81 2.90 9.16 -8.82
C PHE B 81 3.57 7.96 -8.19
N VAL B 82 4.86 7.78 -8.48
CA VAL B 82 5.67 6.75 -7.84
C VAL B 82 6.95 7.38 -7.32
N VAL B 83 7.31 7.02 -6.09
CA VAL B 83 8.59 7.39 -5.49
C VAL B 83 9.36 6.10 -5.26
N ARG B 84 10.54 6.01 -5.86
CA ARG B 84 11.32 4.79 -5.92
C ARG B 84 12.65 5.01 -5.20
N GLN B 85 13.01 4.05 -4.35
CA GLN B 85 14.25 4.10 -3.60
C GLN B 85 15.11 2.88 -3.95
N LYS B 86 16.22 2.74 -3.23
CA LYS B 86 17.06 1.55 -3.39
C LYS B 86 16.36 0.31 -2.85
N GLU B 87 15.45 0.47 -1.89
CA GLU B 87 14.82 -0.66 -1.22
C GLU B 87 13.32 -0.76 -1.45
N ALA B 88 12.56 0.31 -1.17
CA ALA B 88 11.11 0.25 -1.23
C ALA B 88 10.58 1.20 -2.28
N VAL B 89 9.33 0.95 -2.69
CA VAL B 89 8.63 1.76 -3.67
C VAL B 89 7.29 2.17 -3.08
N VAL B 90 6.97 3.46 -3.16
CA VAL B 90 5.67 3.96 -2.72
C VAL B 90 4.98 4.59 -3.91
N SER B 91 3.64 4.58 -3.90
CA SER B 91 2.87 5.04 -5.05
C SER B 91 1.53 5.57 -4.58
N PHE B 92 1.02 6.57 -5.31
CA PHE B 92 -0.33 7.03 -5.01
C PHE B 92 -0.91 7.75 -6.23
N GLN B 93 -2.24 7.86 -6.24
CA GLN B 93 -2.98 8.60 -7.25
C GLN B 93 -3.56 9.86 -6.63
N VAL B 94 -3.57 10.94 -7.41
CA VAL B 94 -4.09 12.23 -6.95
C VAL B 94 -4.95 12.86 -8.03
N PRO B 95 -6.07 13.51 -7.70
CA PRO B 95 -6.64 13.76 -6.36
C PRO B 95 -7.05 12.48 -5.65
N LEU B 96 -6.43 12.24 -4.48
CA LEU B 96 -6.60 10.98 -3.79
C LEU B 96 -8.00 10.89 -3.18
N ILE B 97 -8.60 9.72 -3.31
CA ILE B 97 -9.94 9.46 -2.80
C ILE B 97 -9.82 8.58 -1.57
N LEU B 98 -10.31 9.08 -0.44
CA LEU B 98 -10.33 8.31 0.80
C LEU B 98 -11.73 7.77 1.03
N ARG B 99 -11.92 7.08 2.14
CA ARG B 99 -13.17 6.40 2.44
C ARG B 99 -13.65 6.79 3.81
N GLY B 100 -14.97 6.84 3.97
CA GLY B 100 -15.57 7.19 5.24
C GLY B 100 -16.23 5.99 5.90
N MET B 101 -17.54 6.07 6.10
CA MET B 101 -18.30 4.98 6.70
C MET B 101 -19.32 4.37 5.76
N PHE B 102 -20.31 5.15 5.33
CA PHE B 102 -21.38 4.64 4.47
C PHE B 102 -21.05 4.92 3.01
N GLN B 103 -20.00 4.26 2.55
CA GLN B 103 -19.56 4.32 1.15
C GLN B 103 -19.32 5.76 0.70
N ARG B 104 -18.73 6.57 1.58
CA ARG B 104 -18.46 7.95 1.26
C ARG B 104 -17.13 8.09 0.51
N LYS B 105 -17.00 9.20 -0.22
CA LYS B 105 -15.80 9.49 -0.98
C LYS B 105 -15.36 10.92 -0.69
N TYR B 106 -14.16 11.06 -0.11
CA TYR B 106 -13.55 12.37 0.11
C TYR B 106 -12.38 12.55 -0.84
N LEU B 107 -12.35 13.70 -1.52
CA LEU B 107 -11.35 13.99 -2.53
C LEU B 107 -10.34 14.98 -1.96
N TYR B 108 -9.05 14.69 -2.16
CA TYR B 108 -7.97 15.56 -1.71
C TYR B 108 -7.05 15.88 -2.87
N GLN B 109 -6.63 17.14 -2.95
CA GLN B 109 -5.83 17.62 -4.07
C GLN B 109 -4.33 17.62 -3.78
N LYS B 110 -3.92 17.90 -2.55
CA LYS B 110 -2.52 17.95 -2.17
C LYS B 110 -2.18 16.73 -1.32
N VAL B 111 -1.11 16.03 -1.70
CA VAL B 111 -0.65 14.87 -0.95
C VAL B 111 0.81 15.05 -0.59
N GLU B 112 1.15 14.73 0.65
CA GLU B 112 2.51 14.86 1.16
C GLU B 112 2.86 13.58 1.90
N ARG B 113 4.05 13.04 1.63
CA ARG B 113 4.48 11.82 2.30
C ARG B 113 5.98 11.84 2.55
N THR B 114 6.39 11.29 3.69
CA THR B 114 7.79 11.20 4.07
C THR B 114 8.30 9.80 3.77
N LEU B 115 9.44 9.73 3.09
CA LEU B 115 9.99 8.45 2.66
C LEU B 115 10.64 7.72 3.85
N CYS B 116 10.72 6.39 3.72
CA CYS B 116 11.35 5.55 4.73
C CYS B 116 12.79 5.28 4.31
N GLN B 117 13.74 5.73 5.14
CA GLN B 117 15.16 5.55 4.85
C GLN B 117 15.75 4.55 5.83
N PRO B 118 16.24 3.41 5.36
CA PRO B 118 16.83 2.44 6.28
C PRO B 118 18.13 2.97 6.86
N PRO B 119 18.50 2.53 8.06
CA PRO B 119 19.81 2.93 8.60
C PRO B 119 20.95 2.47 7.72
N THR B 120 21.95 3.33 7.57
CA THR B 120 23.04 3.08 6.65
C THR B 120 24.16 2.31 7.33
N LYS B 121 24.99 1.65 6.51
CA LYS B 121 26.13 0.88 6.99
C LYS B 121 27.42 1.70 6.99
N ASN B 122 27.81 2.22 5.83
CA ASN B 122 29.01 3.04 5.74
C ASN B 122 28.79 4.39 6.44
N GLU B 123 29.90 5.05 6.76
CA GLU B 123 29.84 6.32 7.48
C GLU B 123 29.12 7.38 6.65
N SER B 124 29.42 7.46 5.36
CA SER B 124 28.83 8.47 4.48
C SER B 124 28.54 7.82 3.13
N GLU B 125 27.26 7.61 2.85
CA GLU B 125 26.82 7.04 1.57
C GLU B 125 25.79 7.96 0.95
N ILE B 126 25.98 8.28 -0.33
CA ILE B 126 25.01 9.10 -1.05
C ILE B 126 23.88 8.21 -1.56
N GLN B 127 22.64 8.60 -1.24
CA GLN B 127 21.46 7.83 -1.58
C GLN B 127 20.70 8.52 -2.69
N PHE B 128 20.23 7.75 -3.66
CA PHE B 128 19.48 8.27 -4.81
C PHE B 128 18.03 7.82 -4.69
N PHE B 129 17.11 8.70 -5.10
CA PHE B 129 15.72 8.29 -5.18
C PHE B 129 15.03 9.05 -6.31
N TYR B 130 14.05 8.39 -6.91
CA TYR B 130 13.41 8.85 -8.13
C TYR B 130 11.93 9.15 -7.88
N VAL B 131 11.40 10.13 -8.61
CA VAL B 131 9.98 10.43 -8.60
C VAL B 131 9.49 10.44 -10.03
N ASP B 132 8.57 9.54 -10.35
CA ASP B 132 8.04 9.42 -11.71
C ASP B 132 6.56 9.74 -11.71
N VAL B 133 6.14 10.49 -12.73
CA VAL B 133 4.79 11.01 -12.87
C VAL B 133 4.21 10.55 -14.20
N SER B 134 2.97 10.07 -14.17
CA SER B 134 2.31 9.65 -15.40
C SER B 134 0.80 9.77 -15.22
N THR B 135 0.08 9.57 -16.32
CA THR B 135 -1.38 9.47 -16.31
C THR B 135 -1.82 8.95 -17.67
N LEU B 136 -3.09 8.57 -17.77
CA LEU B 136 -3.66 8.09 -19.02
C LEU B 136 -4.88 8.89 -19.45
N SER B 137 -5.18 10.01 -18.78
CA SER B 137 -6.25 10.88 -19.24
C SER B 137 -5.85 11.51 -20.58
N PRO B 138 -6.80 11.68 -21.50
CA PRO B 138 -6.45 12.23 -22.82
C PRO B 138 -6.18 13.73 -22.80
N VAL B 139 -6.42 14.42 -21.69
CA VAL B 139 -6.29 15.86 -21.62
C VAL B 139 -5.14 16.21 -20.69
N ASN B 140 -4.53 17.37 -20.94
CA ASN B 140 -3.44 17.87 -20.12
C ASN B 140 -3.87 18.02 -18.66
N THR B 141 -2.88 18.09 -17.78
CA THR B 141 -3.11 18.29 -16.35
C THR B 141 -1.82 18.79 -15.74
N THR B 142 -1.92 19.81 -14.89
CA THR B 142 -0.77 20.49 -14.32
C THR B 142 -0.61 20.11 -12.86
N TYR B 143 0.62 19.81 -12.46
CA TYR B 143 0.95 19.46 -11.08
C TYR B 143 2.19 20.23 -10.64
N GLN B 144 2.21 20.60 -9.36
CA GLN B 144 3.38 21.21 -8.74
C GLN B 144 3.95 20.24 -7.72
N LEU B 145 5.22 19.90 -7.88
CA LEU B 145 5.89 18.89 -7.07
C LEU B 145 7.15 19.49 -6.45
N ARG B 146 7.39 19.14 -5.19
CA ARG B 146 8.60 19.60 -4.50
C ARG B 146 9.04 18.55 -3.50
N VAL B 147 10.34 18.56 -3.19
CA VAL B 147 10.93 17.69 -2.19
C VAL B 147 11.66 18.56 -1.17
N SER B 148 11.37 18.35 0.11
CA SER B 148 11.93 19.15 1.18
C SER B 148 12.76 18.28 2.10
N ARG B 149 13.99 18.70 2.36
CA ARG B 149 14.82 18.05 3.36
C ARG B 149 14.36 18.48 4.75
N MET B 150 13.66 17.60 5.45
CA MET B 150 12.99 17.96 6.69
C MET B 150 14.04 18.12 7.78
N ASP B 151 14.20 19.34 8.29
CA ASP B 151 15.26 19.62 9.25
C ASP B 151 15.00 18.97 10.59
N ASP B 152 13.78 19.09 11.11
CA ASP B 152 13.44 18.53 12.42
C ASP B 152 12.82 17.14 12.27
N PHE B 153 13.57 16.25 11.62
CA PHE B 153 13.17 14.86 11.57
C PHE B 153 13.31 14.18 12.93
N VAL B 154 14.34 14.56 13.67
CA VAL B 154 14.60 13.96 14.98
C VAL B 154 13.90 14.77 16.06
N LEU B 155 13.52 14.09 17.13
CA LEU B 155 12.85 14.71 18.27
C LEU B 155 13.82 14.74 19.45
N ARG B 156 14.11 15.93 19.96
CA ARG B 156 14.98 16.09 21.12
C ARG B 156 14.15 16.03 22.39
N THR B 157 14.73 15.48 23.45
CA THR B 157 14.01 15.31 24.70
C THR B 157 13.67 16.65 25.32
N GLY B 158 12.44 16.76 25.83
CA GLY B 158 12.02 17.96 26.51
C GLY B 158 11.78 19.16 25.62
N GLU B 159 11.60 18.95 24.33
CA GLU B 159 11.36 20.04 23.38
C GLU B 159 10.04 19.82 22.67
N GLN B 160 9.28 20.90 22.49
CA GLN B 160 7.96 20.84 21.88
C GLN B 160 8.07 21.21 20.39
N PHE B 161 7.45 20.40 19.55
CA PHE B 161 7.41 20.66 18.11
C PHE B 161 5.97 20.72 17.64
N SER B 162 5.61 21.82 16.98
CA SER B 162 4.26 22.03 16.47
C SER B 162 4.25 21.87 14.95
N PHE B 163 3.30 21.09 14.46
CA PHE B 163 3.25 20.75 13.05
C PHE B 163 1.81 20.55 12.61
N ASN B 164 1.59 20.70 11.30
CA ASN B 164 0.25 20.64 10.71
C ASN B 164 0.10 19.37 9.89
N THR B 165 -1.01 18.66 10.11
CA THR B 165 -1.30 17.42 9.40
C THR B 165 -2.75 17.41 8.92
N THR B 166 -2.96 16.87 7.73
CA THR B 166 -4.29 16.67 7.16
C THR B 166 -4.49 15.17 6.91
N ALA B 167 -5.65 14.83 6.34
CA ALA B 167 -5.98 13.43 6.12
C ALA B 167 -5.09 12.78 5.08
N ALA B 168 -4.59 13.55 4.11
CA ALA B 168 -3.74 13.04 3.06
C ALA B 168 -2.29 13.47 3.21
N GLN B 169 -1.90 13.96 4.38
CA GLN B 169 -0.52 14.36 4.67
C GLN B 169 -0.08 13.74 5.98
N PRO B 170 0.14 12.42 6.00
CA PRO B 170 0.65 11.79 7.21
C PRO B 170 2.10 12.21 7.48
N GLN B 171 2.47 12.20 8.75
CA GLN B 171 3.82 12.60 9.12
C GLN B 171 4.41 11.57 10.08
N TYR B 172 5.74 11.58 10.20
CA TYR B 172 6.36 10.82 11.26
C TYR B 172 7.75 11.36 11.54
N PHE B 173 8.14 11.26 12.81
CA PHE B 173 9.43 11.74 13.29
C PHE B 173 10.17 10.60 13.95
N LYS B 174 11.50 10.65 13.87
CA LYS B 174 12.35 9.62 14.45
C LYS B 174 12.86 10.08 15.80
N TYR B 175 12.61 9.30 16.83
CA TYR B 175 13.17 9.53 18.15
C TYR B 175 14.35 8.58 18.36
N GLU B 176 15.51 9.16 18.65
CA GLU B 176 16.70 8.42 19.00
C GLU B 176 16.81 8.38 20.51
N PHE B 177 16.65 7.16 21.07
CA PHE B 177 16.76 6.95 22.53
C PHE B 177 18.19 7.28 22.95
N PRO B 178 18.42 8.16 23.94
CA PRO B 178 19.80 8.44 24.35
C PRO B 178 20.26 7.48 25.46
N GLU B 179 21.54 7.61 25.80
CA GLU B 179 22.15 6.72 26.77
C GLU B 179 21.61 6.98 28.17
N GLY B 180 21.43 5.90 28.94
CA GLY B 180 20.98 6.01 30.31
C GLY B 180 19.49 6.23 30.49
N VAL B 181 18.71 6.21 29.42
CA VAL B 181 17.27 6.41 29.50
C VAL B 181 16.60 5.05 29.35
N ASP B 182 15.93 4.60 30.40
CA ASP B 182 15.27 3.30 30.36
C ASP B 182 13.97 3.36 29.55
N SER B 183 13.22 4.46 29.69
CA SER B 183 11.95 4.60 28.98
C SER B 183 11.65 6.07 28.82
N VAL B 184 10.85 6.38 27.79
CA VAL B 184 10.40 7.74 27.53
C VAL B 184 8.88 7.74 27.44
N ILE B 185 8.31 8.95 27.48
CA ILE B 185 6.88 9.15 27.31
C ILE B 185 6.68 10.21 26.23
N VAL B 186 5.88 9.87 25.22
CA VAL B 186 5.58 10.76 24.11
C VAL B 186 4.21 11.37 24.38
N LYS B 187 4.18 12.69 24.51
CA LYS B 187 2.96 13.45 24.82
C LYS B 187 2.65 14.34 23.62
N VAL B 188 1.46 14.19 23.07
CA VAL B 188 1.02 14.98 21.92
C VAL B 188 -0.30 15.65 22.26
N THR B 189 -0.39 16.94 21.96
CA THR B 189 -1.54 17.75 22.35
C THR B 189 -2.02 18.57 21.17
N SER B 190 -3.29 18.96 21.20
CA SER B 190 -3.88 19.85 20.21
C SER B 190 -4.89 20.76 20.88
N ASN B 191 -5.13 21.91 20.26
CA ASN B 191 -6.11 22.87 20.79
C ASN B 191 -7.51 22.61 20.22
N LYS B 192 -7.63 22.65 18.90
CA LYS B 192 -8.90 22.30 18.27
C LYS B 192 -9.11 20.79 18.34
N ALA B 193 -10.25 20.38 18.89
CA ALA B 193 -10.50 18.96 19.12
C ALA B 193 -10.58 18.17 17.82
N PHE B 194 -11.18 18.74 16.78
CA PHE B 194 -11.37 18.02 15.54
C PHE B 194 -10.46 18.58 14.45
N PRO B 195 -10.05 17.78 13.47
CA PRO B 195 -10.42 16.38 13.18
C PRO B 195 -9.76 15.33 14.07
N CYS B 196 -10.26 14.10 14.00
CA CYS B 196 -9.69 12.99 14.74
C CYS B 196 -8.35 12.59 14.14
N SER B 197 -7.52 11.94 14.95
CA SER B 197 -6.21 11.51 14.49
C SER B 197 -5.79 10.23 15.20
N VAL B 198 -4.81 9.56 14.62
CA VAL B 198 -4.22 8.34 15.17
C VAL B 198 -2.71 8.56 15.32
N ILE B 199 -2.19 8.30 16.51
CA ILE B 199 -0.77 8.49 16.83
C ILE B 199 -0.20 7.11 17.15
N SER B 200 0.83 6.71 16.41
CA SER B 200 1.38 5.37 16.54
C SER B 200 2.88 5.44 16.81
N ILE B 201 3.38 4.42 17.51
CA ILE B 201 4.80 4.25 17.78
C ILE B 201 5.22 2.94 17.15
N GLN B 202 6.23 3.00 16.29
CA GLN B 202 6.64 1.85 15.49
C GLN B 202 8.16 1.70 15.52
N ASP B 203 8.60 0.48 15.23
CA ASP B 203 10.06 0.21 15.19
C ASP B 203 10.65 0.85 13.94
N VAL B 204 11.96 0.99 13.90
CA VAL B 204 12.67 1.57 12.75
C VAL B 204 13.02 0.43 11.80
N LEU B 205 12.15 0.21 10.82
CA LEU B 205 12.37 -0.82 9.80
C LEU B 205 11.44 -0.52 8.64
N CYS B 206 11.98 -0.35 7.45
CA CYS B 206 11.15 -0.08 6.29
C CYS B 206 10.22 -1.26 6.03
N PRO B 207 8.97 -1.02 5.62
CA PRO B 207 8.33 0.29 5.41
C PRO B 207 7.63 0.79 6.67
N VAL B 208 7.19 2.05 6.66
CA VAL B 208 6.47 2.64 7.77
C VAL B 208 5.02 2.80 7.36
N TYR B 209 4.11 2.21 8.13
CA TYR B 209 2.69 2.21 7.78
C TYR B 209 2.06 3.50 8.29
N ASP B 210 2.10 4.53 7.44
CA ASP B 210 1.53 5.83 7.74
C ASP B 210 0.22 6.08 7.01
N LEU B 211 -0.26 5.11 6.25
CA LEU B 211 -1.55 5.26 5.59
C LEU B 211 -2.69 4.99 6.58
N ASP B 212 -3.90 5.30 6.16
CA ASP B 212 -5.06 5.14 7.04
C ASP B 212 -5.38 3.67 7.27
N ASN B 213 -5.25 2.84 6.23
CA ASN B 213 -5.71 1.41 6.31
C ASN B 213 -4.72 0.50 7.06
N ASN B 214 -3.45 0.86 7.16
CA ASN B 214 -2.47 -0.04 7.76
C ASN B 214 -1.84 0.52 9.03
N VAL B 215 -2.44 1.56 9.63
CA VAL B 215 -1.82 2.16 10.80
C VAL B 215 -2.01 1.31 12.05
N ALA B 216 -2.82 0.27 11.99
CA ALA B 216 -3.11 -0.57 13.14
C ALA B 216 -2.55 -1.99 12.97
N PHE B 217 -1.48 -2.14 12.19
CA PHE B 217 -0.88 -3.44 11.97
C PHE B 217 0.13 -3.78 13.06
N ILE B 218 1.14 -2.93 13.25
CA ILE B 218 2.15 -3.11 14.28
C ILE B 218 2.31 -1.81 15.05
N GLY B 219 3.10 -1.88 16.12
CA GLY B 219 3.33 -0.73 16.96
C GLY B 219 2.20 -0.50 17.93
N MET B 220 2.40 0.50 18.80
CA MET B 220 1.35 0.89 19.79
C MET B 220 0.71 2.17 19.27
N TYR B 221 -0.62 2.18 19.14
CA TYR B 221 -1.31 3.33 18.57
C TYR B 221 -2.50 3.74 19.43
N GLN B 222 -2.72 5.04 19.51
CA GLN B 222 -3.81 5.64 20.25
C GLN B 222 -4.60 6.55 19.32
N THR B 223 -5.92 6.48 19.39
CA THR B 223 -6.75 7.47 18.71
C THR B 223 -6.93 8.67 19.63
N MET B 224 -6.78 9.86 19.07
CA MET B 224 -6.83 11.08 19.87
C MET B 224 -7.57 12.17 19.12
N THR B 225 -8.13 13.09 19.90
CA THR B 225 -8.74 14.32 19.41
C THR B 225 -8.07 15.56 19.96
N LYS B 226 -7.67 15.56 21.22
CA LYS B 226 -6.99 16.71 21.80
C LYS B 226 -5.68 16.36 22.51
N LYS B 227 -5.61 15.21 23.16
CA LYS B 227 -4.39 14.85 23.89
C LYS B 227 -4.18 13.35 23.84
N ALA B 228 -2.91 12.94 23.88
CA ALA B 228 -2.53 11.54 23.92
C ALA B 228 -1.14 11.42 24.53
N ALA B 229 -0.89 10.26 25.15
CA ALA B 229 0.40 10.00 25.78
C ALA B 229 0.68 8.51 25.72
N ILE B 230 1.85 8.15 25.20
CA ILE B 230 2.25 6.75 25.03
C ILE B 230 3.63 6.55 25.66
N THR B 231 3.76 5.47 26.43
CA THR B 231 5.03 5.15 27.08
C THR B 231 5.81 4.16 26.23
N VAL B 232 7.05 4.51 25.89
CA VAL B 232 7.91 3.71 25.04
C VAL B 232 9.08 3.21 25.87
N GLN B 233 9.41 1.92 25.74
CA GLN B 233 10.48 1.31 26.49
C GLN B 233 11.57 0.81 25.55
N ARG B 234 12.82 0.83 26.04
CA ARG B 234 13.94 0.47 25.18
C ARG B 234 14.05 -1.03 24.95
N LYS B 235 13.63 -1.84 25.93
CA LYS B 235 13.75 -3.29 25.79
C LYS B 235 12.93 -3.81 24.62
N ASP B 236 11.87 -3.10 24.24
CA ASP B 236 11.03 -3.52 23.11
C ASP B 236 11.59 -3.05 21.78
N PHE B 237 12.61 -2.19 21.77
CA PHE B 237 13.18 -1.63 20.55
C PHE B 237 14.69 -1.86 20.58
N PRO B 238 15.16 -2.98 20.05
CA PRO B 238 16.60 -3.28 20.12
C PRO B 238 17.47 -2.33 19.31
N SER B 239 16.92 -1.61 18.33
CA SER B 239 17.73 -0.74 17.49
C SER B 239 17.95 0.64 18.11
N ASN B 240 17.41 0.89 19.30
CA ASN B 240 17.65 2.12 20.05
C ASN B 240 17.12 3.35 19.32
N SER B 241 15.91 3.23 18.77
CA SER B 241 15.22 4.33 18.09
C SER B 241 13.83 3.85 17.72
N PHE B 242 12.94 4.81 17.45
CA PHE B 242 11.61 4.45 16.97
C PHE B 242 11.03 5.61 16.17
N TYR B 243 9.85 5.38 15.61
CA TYR B 243 9.13 6.35 14.78
C TYR B 243 7.80 6.68 15.42
N VAL B 244 7.51 7.97 15.53
CA VAL B 244 6.21 8.47 15.96
C VAL B 244 5.48 8.94 14.71
N VAL B 245 4.37 8.26 14.39
CA VAL B 245 3.63 8.49 13.15
C VAL B 245 2.28 9.11 13.50
N VAL B 246 1.96 10.22 12.85
CA VAL B 246 0.70 10.92 13.04
C VAL B 246 -0.09 10.83 11.74
N VAL B 247 -1.37 10.43 11.86
CA VAL B 247 -2.28 10.32 10.73
C VAL B 247 -3.58 11.01 11.11
N VAL B 248 -4.22 11.68 10.15
CA VAL B 248 -5.48 12.38 10.38
C VAL B 248 -6.59 11.63 9.66
N LYS B 249 -7.67 11.32 10.38
CA LYS B 249 -8.78 10.60 9.81
C LYS B 249 -9.67 11.53 8.99
N THR B 250 -10.66 10.93 8.32
CA THR B 250 -11.63 11.66 7.51
C THR B 250 -12.94 11.88 8.24
N GLU B 251 -13.47 10.86 8.88
CA GLU B 251 -14.72 10.95 9.63
C GLU B 251 -14.43 10.91 11.11
N ASP B 252 -15.03 11.83 11.86
CA ASP B 252 -14.80 11.97 13.29
C ASP B 252 -15.69 11.05 14.12
N GLN B 253 -16.25 10.00 13.52
CA GLN B 253 -17.11 9.09 14.27
C GLN B 253 -16.34 8.35 15.35
N ALA B 254 -15.11 7.93 15.04
CA ALA B 254 -14.32 7.17 16.01
C ALA B 254 -13.98 8.01 17.24
N CYS B 255 -13.60 9.27 17.02
CA CYS B 255 -13.27 10.15 18.14
C CYS B 255 -14.49 10.58 18.94
N GLY B 256 -15.69 10.35 18.44
CA GLY B 256 -16.90 10.70 19.15
C GLY B 256 -17.72 11.82 18.55
N GLY B 257 -17.37 12.30 17.36
CA GLY B 257 -18.10 13.38 16.74
C GLY B 257 -19.36 12.92 16.04
N SER B 258 -20.11 13.89 15.55
CA SER B 258 -21.34 13.64 14.81
C SER B 258 -21.04 13.73 13.32
N LEU B 259 -21.36 12.68 12.58
CA LEU B 259 -21.07 12.64 11.15
C LEU B 259 -21.93 13.68 10.42
N PRO B 260 -21.37 14.38 9.43
CA PRO B 260 -22.18 15.30 8.63
C PRO B 260 -23.20 14.56 7.80
N PHE B 261 -24.33 15.23 7.55
CA PHE B 261 -25.41 14.65 6.78
C PHE B 261 -25.31 15.04 5.30
N TYR B 262 -24.18 14.64 4.70
CA TYR B 262 -23.97 14.87 3.29
C TYR B 262 -24.89 13.99 2.46
N PRO B 263 -25.22 14.41 1.23
CA PRO B 263 -26.07 13.58 0.37
C PRO B 263 -25.42 12.24 0.07
N PHE B 264 -26.25 11.20 -0.03
CA PHE B 264 -25.77 9.83 -0.24
C PHE B 264 -25.33 9.68 -1.69
N ALA B 265 -24.10 10.13 -1.95
CA ALA B 265 -23.49 10.04 -3.28
C ALA B 265 -22.57 8.82 -3.29
N GLU B 266 -23.03 7.73 -3.89
CA GLU B 266 -22.25 6.50 -3.90
C GLU B 266 -21.03 6.62 -4.82
N ASP B 267 -21.19 7.27 -5.97
CA ASP B 267 -20.13 7.37 -6.96
C ASP B 267 -19.74 8.82 -7.25
N GLU B 268 -20.06 9.75 -6.35
CA GLU B 268 -19.69 11.14 -6.51
C GLU B 268 -18.86 11.57 -5.31
N PRO B 269 -17.60 11.95 -5.50
CA PRO B 269 -16.78 12.37 -4.36
C PRO B 269 -16.98 13.82 -3.98
N VAL B 270 -17.16 14.09 -2.69
CA VAL B 270 -17.33 15.45 -2.19
C VAL B 270 -16.08 15.86 -1.44
N ASP B 271 -15.63 17.08 -1.66
CA ASP B 271 -14.48 17.61 -0.95
C ASP B 271 -14.85 17.97 0.48
N GLN B 272 -13.90 17.74 1.39
CA GLN B 272 -14.09 18.07 2.80
C GLN B 272 -13.66 19.48 3.13
N GLY B 273 -13.25 20.27 2.13
CA GLY B 273 -12.83 21.63 2.36
C GLY B 273 -11.41 21.71 2.88
N HIS B 274 -11.17 22.58 3.85
CA HIS B 274 -9.86 22.74 4.48
C HIS B 274 -9.95 22.13 5.88
N ARG B 275 -9.56 20.87 6.00
CA ARG B 275 -9.52 20.16 7.27
C ARG B 275 -8.07 19.92 7.64
N GLN B 276 -7.68 20.39 8.82
CA GLN B 276 -6.29 20.38 9.24
C GLN B 276 -6.22 20.26 10.75
N LYS B 277 -5.08 19.81 11.25
CA LYS B 277 -4.86 19.68 12.68
C LYS B 277 -3.45 20.15 13.02
N THR B 278 -3.36 21.01 14.03
CA THR B 278 -2.07 21.47 14.55
C THR B 278 -1.77 20.70 15.82
N LEU B 279 -0.61 20.06 15.86
CA LEU B 279 -0.25 19.16 16.95
C LEU B 279 1.10 19.55 17.52
N SER B 280 1.20 19.54 18.84
CA SER B 280 2.46 19.80 19.55
C SER B 280 2.90 18.51 20.23
N VAL B 281 4.11 18.06 19.91
CA VAL B 281 4.63 16.78 20.38
C VAL B 281 5.87 17.04 21.22
N LEU B 282 6.02 16.27 22.30
CA LEU B 282 7.18 16.35 23.18
C LEU B 282 7.47 14.96 23.74
N VAL B 283 8.73 14.54 23.65
CA VAL B 283 9.17 13.28 24.23
C VAL B 283 9.99 13.60 25.47
N SER B 284 9.57 13.08 26.62
CA SER B 284 10.20 13.40 27.89
C SER B 284 10.63 12.12 28.60
N GLN B 285 11.75 12.20 29.32
CA GLN B 285 12.22 11.05 30.07
C GLN B 285 11.26 10.72 31.20
N ALA B 286 11.01 9.44 31.40
CA ALA B 286 10.15 9.00 32.48
C ALA B 286 10.89 9.04 33.81
C1 NAG C . -3.48 -6.34 -28.27
C2 NAG C . -4.12 -6.54 -29.64
C3 NAG C . -3.41 -7.67 -30.39
C4 NAG C . -1.91 -7.41 -30.45
C5 NAG C . -1.35 -7.12 -29.05
C6 NAG C . 0.10 -6.70 -29.07
C7 NAG C . -6.46 -6.32 -30.36
C8 NAG C . -7.87 -6.72 -30.09
N2 NAG C . -5.54 -6.82 -29.51
O3 NAG C . -3.95 -7.77 -31.69
O4 NAG C . -1.25 -8.56 -30.97
O5 NAG C . -2.09 -6.05 -28.43
O6 NAG C . 0.41 -5.96 -30.25
O7 NAG C . -6.15 -5.60 -31.30
C1 NAG C . -0.85 -8.34 -32.32
C2 NAG C . 0.18 -9.40 -32.71
C3 NAG C . 0.58 -9.25 -34.18
C4 NAG C . -0.66 -9.26 -35.07
C5 NAG C . -1.65 -8.21 -34.59
C6 NAG C . -2.95 -8.24 -35.36
C7 NAG C . 1.97 -10.39 -31.35
C8 NAG C . 3.16 -10.13 -30.49
N2 NAG C . 1.36 -9.31 -31.85
O3 NAG C . 1.46 -10.31 -34.54
O4 NAG C . -0.28 -8.98 -36.41
O5 NAG C . -1.98 -8.43 -33.22
O6 NAG C . -3.27 -9.57 -35.79
O7 NAG C . 1.58 -11.54 -31.59
C1 NAG D . 22.88 16.78 -6.76
C2 NAG D . 24.30 17.35 -6.81
C3 NAG D . 24.25 18.83 -7.19
C4 NAG D . 23.46 19.03 -8.48
C5 NAG D . 22.09 18.35 -8.38
C6 NAG D . 21.33 18.38 -9.69
C7 NAG D . 26.29 16.87 -5.46
C8 NAG D . 26.83 16.71 -4.07
N2 NAG D . 24.98 17.17 -5.54
O3 NAG D . 25.57 19.32 -7.34
O4 NAG D . 23.26 20.42 -8.72
O5 NAG D . 22.25 16.96 -8.03
O6 NAG D . 22.21 18.40 -10.81
O7 NAG D . 26.99 16.74 -6.45
C1 NAG D . 24.16 20.88 -9.75
C2 NAG D . 23.65 22.22 -10.27
C3 NAG D . 24.60 22.79 -11.32
C4 NAG D . 26.02 22.85 -10.77
C5 NAG D . 26.43 21.49 -10.24
C6 NAG D . 27.79 21.51 -9.56
C7 NAG D . 21.20 22.26 -10.08
C8 NAG D . 19.90 22.09 -10.81
N2 NAG D . 22.30 22.09 -10.82
O3 NAG D . 24.16 24.09 -11.71
O4 NAG D . 26.91 23.25 -11.80
O5 NAG D . 25.50 21.04 -9.25
O6 NAG D . 28.02 22.75 -8.90
O7 NAG D . 21.25 22.55 -8.89
C1 NAG E . -2.08 -26.93 -5.84
C2 NAG E . -2.43 -27.42 -7.24
C3 NAG E . -2.33 -28.94 -7.32
C4 NAG E . -0.95 -29.39 -6.86
C5 NAG E . -0.68 -28.86 -5.46
C6 NAG E . 0.70 -29.19 -4.94
C7 NAG E . -4.04 -26.28 -8.71
C8 NAG E . -5.48 -25.93 -8.94
N2 NAG E . -3.78 -26.99 -7.61
O3 NAG E . -2.56 -29.37 -8.66
O4 NAG E . -0.86 -30.81 -6.86
O5 NAG E . -0.78 -27.43 -5.47
O6 NAG E . 1.70 -28.47 -5.65
O7 NAG E . -3.16 -25.94 -9.49
C1 NAG E . 0.09 -31.19 -7.88
C2 NAG E . 0.52 -32.65 -7.63
C3 NAG E . 1.49 -33.10 -8.71
C4 NAG E . 0.90 -32.86 -10.10
C5 NAG E . 0.46 -31.40 -10.24
C6 NAG E . -0.24 -31.13 -11.55
C7 NAG E . 0.40 -33.08 -5.22
C8 NAG E . 1.18 -33.21 -3.94
N2 NAG E . 1.11 -32.80 -6.32
O3 NAG E . 1.78 -34.48 -8.55
O4 NAG E . 1.87 -33.16 -11.10
O5 NAG E . -0.46 -31.07 -9.19
O6 NAG E . -1.44 -31.89 -11.67
O7 NAG E . -0.82 -33.23 -5.25
C1 NAG F . -0.22 25.66 10.31
C2 NAG F . 0.97 26.60 10.21
C3 NAG F . 0.60 28.00 10.72
C4 NAG F . -0.63 28.51 9.99
C5 NAG F . -1.77 27.51 10.15
C6 NAG F . -3.02 27.90 9.40
C7 NAG F . 3.27 25.77 10.37
C8 NAG F . 4.34 25.24 11.29
N2 NAG F . 2.11 26.08 10.95
O3 NAG F . 1.70 28.88 10.50
O4 NAG F . -1.02 29.77 10.51
O5 NAG F . -1.36 26.24 9.63
O6 NAG F . -2.81 27.88 7.99
O7 NAG F . 3.46 25.90 9.17
C1 NAG F . -0.83 30.76 9.47
C2 NAG F . -1.59 32.03 9.86
C3 NAG F . -1.37 33.11 8.80
C4 NAG F . 0.12 33.33 8.57
C5 NAG F . 0.81 32.01 8.23
C6 NAG F . 2.31 32.13 8.11
C7 NAG F . -3.55 31.39 11.18
C8 NAG F . -5.03 31.16 11.18
N2 NAG F . -3.01 31.77 10.02
O3 NAG F . -1.97 34.34 9.23
O4 NAG F . 0.32 34.24 7.48
O5 NAG F . 0.56 31.06 9.29
O6 NAG F . 2.91 32.51 9.33
O7 NAG F . -2.87 31.23 12.20
C1 NAG G . 19.26 2.02 -24.13
C2 NAG G . 20.14 1.70 -25.34
C3 NAG G . 19.31 1.02 -26.43
C4 NAG G . 18.60 -0.21 -25.85
C5 NAG G . 17.80 0.18 -24.61
C6 NAG G . 17.16 -1.01 -23.92
C7 NAG G . 22.06 3.16 -25.78
C8 NAG G . 22.53 4.45 -26.37
N2 NAG G . 20.76 2.92 -25.87
O3 NAG G . 20.16 0.63 -27.49
O4 NAG G . 17.72 -0.77 -26.82
O5 NAG G . 18.66 0.80 -23.64
O6 NAG G . 18.03 -2.13 -23.91
O7 NAG G . 22.84 2.37 -25.25
C1 NAG H . -26.43 -7.66 -21.16
C2 NAG H . -26.79 -7.62 -22.65
C3 NAG H . -28.09 -6.84 -22.85
C4 NAG H . -29.19 -7.41 -21.96
C5 NAG H . -28.73 -7.46 -20.51
C6 NAG H . -29.73 -8.12 -19.59
C7 NAG H . -25.34 -7.51 -24.62
C8 NAG H . -24.21 -6.79 -25.29
N2 NAG H . -25.72 -7.04 -23.43
O3 NAG H . -28.47 -6.92 -24.21
O4 NAG H . -30.35 -6.58 -22.05
O5 NAG H . -27.52 -8.21 -20.41
O6 NAG H . -29.13 -9.17 -18.84
O7 NAG H . -25.90 -8.48 -25.13
C1 NAG I . -18.81 5.51 -24.69
C2 NAG I . -18.19 6.61 -23.82
C3 NAG I . -18.46 7.98 -24.44
C4 NAG I . -17.98 8.02 -25.89
C5 NAG I . -18.60 6.86 -26.67
C6 NAG I . -18.08 6.76 -28.09
C7 NAG I . -17.95 6.82 -21.40
C8 NAG I . -18.64 6.72 -20.07
N2 NAG I . -18.70 6.55 -22.47
O3 NAG I . -17.78 8.98 -23.69
O4 NAG I . -18.35 9.25 -26.49
O5 NAG I . -18.30 5.61 -26.04
O6 NAG I . -17.46 5.51 -28.33
O7 NAG I . -16.76 7.13 -21.49
C1 NAG J . 23.95 -7.90 -18.33
C2 NAG J . 25.31 -7.22 -18.19
C3 NAG J . 25.80 -6.73 -19.54
C4 NAG J . 25.78 -7.85 -20.56
C5 NAG J . 24.40 -8.49 -20.61
C6 NAG J . 24.34 -9.69 -21.53
C7 NAG J . 26.31 -5.68 -16.55
C8 NAG J . 26.06 -4.53 -15.61
N2 NAG J . 25.25 -6.13 -17.23
O3 NAG J . 27.12 -6.20 -19.42
O4 NAG J . 26.12 -7.36 -21.85
O5 NAG J . 24.02 -8.94 -19.32
O6 NAG J . 24.47 -10.91 -20.81
O7 NAG J . 27.42 -6.18 -16.68
C1 NAG K . 8.78 13.06 -26.63
C2 NAG K . 9.18 14.05 -27.72
C3 NAG K . 10.33 14.92 -27.23
C4 NAG K . 9.99 15.58 -25.91
C5 NAG K . 9.54 14.53 -24.90
C6 NAG K . 9.09 15.12 -23.58
C7 NAG K . 8.78 13.42 -30.06
C8 NAG K . 9.29 12.65 -31.23
N2 NAG K . 9.54 13.37 -28.95
O3 NAG K . 10.61 15.92 -28.21
O4 NAG K . 11.12 16.27 -25.39
O5 NAG K . 8.44 13.77 -25.42
O6 NAG K . 8.31 16.29 -23.79
O7 NAG K . 7.73 14.07 -30.10
C1 NAG L . 29.87 9.54 15.03
C2 NAG L . 31.25 10.06 14.66
C3 NAG L . 32.32 9.16 15.28
C4 NAG L . 32.11 9.01 16.77
C5 NAG L . 30.68 8.55 17.06
C6 NAG L . 30.36 8.50 18.53
C7 NAG L . 32.07 11.13 12.61
C8 NAG L . 32.15 11.05 11.12
N2 NAG L . 31.42 10.13 13.22
O3 NAG L . 33.61 9.72 15.02
O4 NAG L . 33.02 8.06 17.31
O5 NAG L . 29.74 9.46 16.46
O6 NAG L . 29.19 9.27 18.84
O7 NAG L . 32.58 12.05 13.25
C1 NAG M . 31.56 1.41 1.79
C2 NAG M . 30.84 0.19 1.21
C3 NAG M . 31.84 -0.76 0.57
C4 NAG M . 32.70 -0.03 -0.45
C5 NAG M . 33.34 1.21 0.19
C6 NAG M . 34.11 2.05 -0.80
C7 NAG M . 28.92 -1.13 1.98
C8 NAG M . 28.26 -1.79 3.16
N2 NAG M . 30.07 -0.49 2.23
O3 NAG M . 31.14 -1.84 -0.06
O4 NAG M . 33.72 -0.89 -0.94
O5 NAG M . 32.33 2.05 0.75
O6 NAG M . 33.88 3.43 -0.59
O7 NAG M . 28.44 -1.18 0.85
C1 NAG N . -0.77 20.35 -23.55
C2 NAG N . -1.49 20.03 -24.87
C3 NAG N . -0.58 20.30 -26.06
C4 NAG N . -0.03 21.72 -26.00
C5 NAG N . 0.65 21.97 -24.66
C6 NAG N . 1.12 23.40 -24.48
C7 NAG N . -2.98 18.22 -25.63
C8 NAG N . -3.30 16.76 -25.52
N2 NAG N . -1.95 18.65 -24.88
O3 NAG N . -1.30 20.11 -27.28
O4 NAG N . 0.92 21.93 -27.05
O5 NAG N . -0.28 21.71 -23.60
O6 NAG N . 0.19 24.16 -23.74
O7 NAG N . -3.62 18.98 -26.35
#